data_6T4X
#
_entry.id   6T4X
#
_cell.length_a   108.880
_cell.length_b   108.880
_cell.length_c   98.537
_cell.angle_alpha   90.000
_cell.angle_beta   90.000
_cell.angle_gamma   120.000
#
_symmetry.space_group_name_H-M   'P 61 2 2'
#
loop_
_entity.id
_entity.type
_entity.pdbx_description
1 polymer 'Nuclear receptor ROR-gamma'
2 non-polymer 25-HYDROXYCHOLESTEROL
3 non-polymer '4-[(~{E})-[3-[2-chloranyl-6-(trifluoromethyl)phenyl]-5-(1~{H}-pyrrol-3-yl)-1,2-oxazol-4-yl]methylideneamino]benzoic acid'
4 non-polymer GLYCEROL
5 water water
#
_entity_poly.entity_id   1
_entity_poly.type   'polypeptide(L)'
_entity_poly.pdbx_seq_one_letter_code
;GSSHHHHHHSSGLVPRGSHMASLTEIEHLVQSVCKSYRETCQLRLEDLLRQRSNIFSREEVTGYQRKSMWEMWERCAHHL
TEAIQYVVEFAKRLSGFMELCQNDQIVLLKAGAMEVVLVRMCRAYNADNRTVFFEGKYGGMELFRALGCSELISSIFDFS
HSLSALHFSEDEIALYTALVLINAHRPGLQEKRKVEQLQYNLELAFHHHLHKTHRQSILAKLPPKGKLRSLCSQHVERLQ
IFQHLHPIVVQAAFPPLYKELFS
;
_entity_poly.pdbx_strand_id   A
#
loop_
_chem_comp.id
_chem_comp.type
_chem_comp.name
_chem_comp.formula
GOL non-polymer GLYCEROL 'C3 H8 O3'
HC3 non-polymer 25-HYDROXYCHOLESTEROL 'C27 H46 O2'
L3E non-polymer '4-[(~{E})-[3-[2-chloranyl-6-(trifluoromethyl)phenyl]-5-(1~{H}-pyrrol-3-yl)-1,2-oxazol-4-yl]methylideneamino]benzoic acid' 'C22 H13 Cl F3 N3 O3'
#
# COMPACT_ATOMS: atom_id res chain seq x y z
N LEU A 23 26.22 6.74 -18.06
CA LEU A 23 25.02 5.92 -17.65
C LEU A 23 23.75 6.51 -18.25
N THR A 24 22.70 5.71 -18.29
CA THR A 24 21.42 6.12 -18.92
C THR A 24 20.56 6.86 -17.90
N GLU A 25 19.58 7.59 -18.44
CA GLU A 25 18.44 8.11 -17.68
C GLU A 25 17.89 6.92 -16.87
N ILE A 26 17.93 5.69 -17.40
CA ILE A 26 17.17 4.56 -16.80
C ILE A 26 17.88 4.04 -15.53
N GLU A 27 19.20 3.94 -15.52
CA GLU A 27 19.92 3.57 -14.28
C GLU A 27 19.67 4.63 -13.21
N HIS A 28 19.68 5.93 -13.58
CA HIS A 28 19.39 7.04 -12.65
C HIS A 28 17.94 6.92 -12.13
N LEU A 29 17.01 6.55 -12.99
CA LEU A 29 15.58 6.45 -12.61
C LEU A 29 15.43 5.30 -11.61
N VAL A 30 16.09 4.16 -11.84
CA VAL A 30 16.03 3.07 -10.83
C VAL A 30 16.55 3.64 -9.50
N GLN A 31 17.69 4.30 -9.51
CA GLN A 31 18.25 4.84 -8.25
C GLN A 31 17.26 5.80 -7.58
N SER A 32 16.67 6.72 -8.37
N SER A 32 16.65 6.74 -8.33
CA SER A 32 15.74 7.75 -7.86
CA SER A 32 15.76 7.76 -7.71
C SER A 32 14.50 7.09 -7.23
C SER A 32 14.44 7.10 -7.21
N VAL A 33 13.88 6.14 -7.93
CA VAL A 33 12.66 5.44 -7.44
C VAL A 33 12.99 4.68 -6.15
N CYS A 34 14.12 3.97 -6.11
CA CYS A 34 14.51 3.20 -4.92
C CYS A 34 14.80 4.16 -3.76
N LYS A 35 15.44 5.30 -4.02
CA LYS A 35 15.68 6.31 -2.96
C LYS A 35 14.35 6.85 -2.40
N SER A 36 13.39 7.21 -3.27
N SER A 36 13.42 7.13 -3.29
CA SER A 36 12.06 7.66 -2.78
CA SER A 36 12.08 7.63 -2.92
C SER A 36 11.50 6.57 -1.88
C SER A 36 11.41 6.60 -2.00
N TYR A 37 11.55 5.31 -2.35
CA TYR A 37 10.99 4.19 -1.56
C TYR A 37 11.70 4.12 -0.19
N ARG A 38 13.03 4.18 -0.19
CA ARG A 38 13.80 4.08 1.07
C ARG A 38 13.37 5.18 2.04
N GLU A 39 13.14 6.40 1.52
CA GLU A 39 12.79 7.58 2.34
C GLU A 39 11.35 7.51 2.86
N THR A 40 10.50 6.66 2.26
CA THR A 40 9.05 6.66 2.53
C THR A 40 8.51 5.27 2.86
N CYS A 41 9.38 4.28 3.03
CA CYS A 41 8.91 2.88 3.19
C CYS A 41 8.19 2.67 4.51
N GLN A 42 8.32 3.62 5.43
CA GLN A 42 7.60 3.66 6.74
C GLN A 42 8.20 2.69 7.76
N LEU A 43 8.26 1.41 7.45
CA LEU A 43 8.85 0.37 8.31
C LEU A 43 10.07 -0.22 7.58
N ARG A 44 11.17 -0.41 8.29
CA ARG A 44 12.40 -0.98 7.68
C ARG A 44 12.25 -2.50 7.59
N LEU A 45 12.60 -3.11 6.46
CA LEU A 45 12.44 -4.58 6.29
C LEU A 45 13.26 -5.30 7.36
N GLU A 46 14.49 -4.83 7.64
CA GLU A 46 15.35 -5.56 8.59
C GLU A 46 14.63 -5.61 9.95
N ASP A 47 13.96 -4.54 10.35
CA ASP A 47 13.22 -4.45 11.64
C ASP A 47 12.06 -5.43 11.59
N LEU A 48 11.30 -5.40 10.49
CA LEU A 48 10.12 -6.29 10.34
C LEU A 48 10.58 -7.74 10.44
N LEU A 49 11.66 -8.12 9.77
CA LEU A 49 12.09 -9.54 9.79
C LEU A 49 12.61 -9.91 11.19
N ARG A 50 13.35 -9.04 11.86
CA ARG A 50 13.89 -9.32 13.20
C ARG A 50 12.73 -9.47 14.20
N GLN A 51 11.64 -8.75 14.03
CA GLN A 51 10.51 -8.71 14.98
C GLN A 51 9.57 -9.91 14.77
N ARG A 52 9.83 -10.82 13.82
CA ARG A 52 8.87 -11.92 13.48
C ARG A 52 8.63 -12.82 14.70
N SER A 53 9.62 -12.99 15.58
CA SER A 53 9.49 -13.83 16.79
C SER A 53 8.69 -13.11 17.88
N ASN A 54 8.37 -11.83 17.71
CA ASN A 54 7.65 -11.01 18.71
C ASN A 54 6.17 -11.06 18.35
N ILE A 55 5.47 -12.01 18.94
CA ILE A 55 4.08 -12.38 18.59
C ILE A 55 3.17 -12.09 19.79
N PHE A 56 2.04 -11.47 19.54
CA PHE A 56 1.04 -11.20 20.59
C PHE A 56 0.71 -12.50 21.33
N SER A 57 0.70 -12.45 22.67
CA SER A 57 0.27 -13.59 23.53
C SER A 57 -1.24 -13.82 23.38
N ARG A 58 -1.71 -14.98 23.84
CA ARG A 58 -3.17 -15.27 23.92
C ARG A 58 -3.84 -14.11 24.67
N GLU A 59 -3.28 -13.67 25.81
CA GLU A 59 -3.93 -12.60 26.63
C GLU A 59 -3.98 -11.30 25.81
N GLU A 60 -2.90 -10.97 25.09
CA GLU A 60 -2.86 -9.72 24.31
C GLU A 60 -3.90 -9.81 23.17
N VAL A 61 -4.04 -10.96 22.54
CA VAL A 61 -5.05 -11.13 21.47
C VAL A 61 -6.44 -10.90 22.07
N THR A 62 -6.75 -11.53 23.20
CA THR A 62 -8.07 -11.36 23.83
C THR A 62 -8.31 -9.87 24.13
N GLY A 63 -7.28 -9.16 24.61
CA GLY A 63 -7.41 -7.73 24.91
C GLY A 63 -7.85 -6.96 23.67
N TYR A 64 -7.28 -7.27 22.52
CA TYR A 64 -7.68 -6.61 21.27
C TYR A 64 -9.11 -7.04 20.86
N GLN A 65 -9.45 -8.31 21.01
CA GLN A 65 -10.78 -8.82 20.59
C GLN A 65 -11.87 -8.23 21.47
N ARG A 66 -11.56 -7.87 22.71
CA ARG A 66 -12.54 -7.27 23.63
C ARG A 66 -12.70 -5.75 23.44
N LYS A 67 -11.74 -5.10 22.77
CA LYS A 67 -11.88 -3.65 22.51
C LYS A 67 -13.16 -3.42 21.70
N SER A 68 -13.76 -2.25 21.87
CA SER A 68 -14.87 -1.81 21.03
C SER A 68 -14.47 -1.82 19.56
N MET A 69 -15.41 -2.22 18.71
N MET A 69 -15.35 -2.23 18.67
CA MET A 69 -15.38 -2.05 17.25
CA MET A 69 -15.08 -2.07 17.24
C MET A 69 -14.87 -0.63 16.94
C MET A 69 -14.76 -0.60 16.95
N TRP A 70 -15.35 0.36 17.68
CA TRP A 70 -15.21 1.78 17.35
C TRP A 70 -13.81 2.26 17.77
N GLU A 71 -13.26 1.66 18.81
CA GLU A 71 -11.87 1.96 19.22
C GLU A 71 -10.92 1.28 18.24
N MET A 72 -11.20 0.04 17.85
CA MET A 72 -10.34 -0.65 16.86
C MET A 72 -10.40 0.12 15.54
N TRP A 73 -11.55 0.64 15.18
CA TRP A 73 -11.72 1.45 13.95
C TRP A 73 -10.88 2.71 14.08
N GLU A 74 -10.96 3.42 15.18
CA GLU A 74 -10.14 4.66 15.36
C GLU A 74 -8.66 4.30 15.17
N ARG A 75 -8.21 3.22 15.78
CA ARG A 75 -6.76 2.86 15.72
C ARG A 75 -6.39 2.50 14.28
N CYS A 76 -7.16 1.62 13.66
CA CYS A 76 -6.85 1.12 12.31
C CYS A 76 -6.93 2.27 11.32
N ALA A 77 -7.92 3.13 11.44
CA ALA A 77 -8.10 4.29 10.54
C ALA A 77 -6.85 5.20 10.64
N HIS A 78 -6.36 5.43 11.84
CA HIS A 78 -5.17 6.28 12.07
C HIS A 78 -3.99 5.60 11.37
N HIS A 79 -3.79 4.31 11.59
CA HIS A 79 -2.65 3.61 10.96
C HIS A 79 -2.75 3.66 9.45
N LEU A 80 -3.96 3.46 8.92
CA LEU A 80 -4.13 3.42 7.45
C LEU A 80 -3.97 4.81 6.86
N THR A 81 -4.41 5.85 7.57
N THR A 81 -4.41 5.86 7.56
CA THR A 81 -4.30 7.24 7.07
CA THR A 81 -4.30 7.24 7.01
C THR A 81 -2.84 7.57 6.79
C THR A 81 -2.85 7.63 6.80
N GLU A 82 -2.10 7.30 7.88
CA GLU A 82 -0.61 7.37 7.97
CA GLU A 82 -0.29 7.26 8.21
C GLU A 82 0.21 6.64 6.83
N ALA A 83 -0.21 5.40 6.68
CA ALA A 83 0.27 4.53 5.58
C ALA A 83 0.02 5.20 4.23
N ILE A 84 -1.17 5.71 4.01
CA ILE A 84 -1.49 6.43 2.75
C ILE A 84 -0.58 7.65 2.61
N GLN A 85 -0.33 8.39 3.68
CA GLN A 85 0.48 9.62 3.61
C GLN A 85 1.90 9.27 3.16
N TYR A 86 2.44 8.15 3.62
CA TYR A 86 3.80 7.73 3.17
C TYR A 86 3.77 7.44 1.68
N VAL A 87 2.66 6.87 1.18
CA VAL A 87 2.53 6.58 -0.26
C VAL A 87 2.42 7.91 -1.03
N VAL A 88 1.71 8.90 -0.50
CA VAL A 88 1.65 10.22 -1.18
C VAL A 88 3.09 10.78 -1.26
N GLU A 89 3.84 10.71 -0.18
CA GLU A 89 5.21 11.25 -0.16
C GLU A 89 6.06 10.50 -1.18
N PHE A 90 5.88 9.20 -1.29
CA PHE A 90 6.59 8.38 -2.31
C PHE A 90 6.28 8.93 -3.70
N ALA A 91 5.00 9.13 -3.99
CA ALA A 91 4.57 9.61 -5.31
C ALA A 91 5.22 10.97 -5.60
N LYS A 92 5.23 11.86 -4.60
CA LYS A 92 5.74 13.25 -4.78
C LYS A 92 7.21 13.22 -5.18
N ARG A 93 7.92 12.16 -4.77
CA ARG A 93 9.36 12.03 -5.05
C ARG A 93 9.59 11.33 -6.41
N LEU A 94 8.57 10.78 -7.06
CA LEU A 94 8.78 10.07 -8.35
C LEU A 94 9.02 11.14 -9.42
N SER A 95 10.09 10.92 -10.17
CA SER A 95 10.50 11.82 -11.26
C SER A 95 9.26 12.15 -12.11
N GLY A 96 8.95 13.42 -12.25
CA GLY A 96 7.89 13.88 -13.17
C GLY A 96 6.51 13.96 -12.53
N PHE A 97 6.32 13.30 -11.39
CA PHE A 97 4.97 13.26 -10.79
C PHE A 97 4.51 14.68 -10.45
N MET A 98 5.39 15.50 -9.87
CA MET A 98 5.03 16.90 -9.53
CA MET A 98 5.05 16.91 -9.51
C MET A 98 4.79 17.98 -10.64
N GLU A 99 5.22 17.52 -11.82
CA GLU A 99 5.10 18.22 -13.12
C GLU A 99 3.78 17.83 -13.79
N LEU A 100 3.07 16.79 -13.31
CA LEU A 100 1.70 16.49 -13.79
C LEU A 100 0.76 17.57 -13.24
N CYS A 101 -0.35 17.83 -13.93
CA CYS A 101 -1.36 18.79 -13.44
C CYS A 101 -1.99 18.22 -12.15
N GLN A 102 -2.50 19.08 -11.29
CA GLN A 102 -3.03 18.63 -9.98
C GLN A 102 -4.17 17.62 -10.20
N ASN A 103 -5.06 17.84 -11.17
CA ASN A 103 -6.17 16.89 -11.47
C ASN A 103 -5.60 15.49 -11.61
N ASP A 104 -4.53 15.35 -12.39
CA ASP A 104 -4.00 14.02 -12.75
C ASP A 104 -3.28 13.44 -11.54
N GLN A 105 -2.58 14.27 -10.76
CA GLN A 105 -1.94 13.77 -9.52
C GLN A 105 -3.03 13.13 -8.64
N ILE A 106 -4.16 13.82 -8.53
CA ILE A 106 -5.24 13.36 -7.63
C ILE A 106 -5.89 12.10 -8.22
N VAL A 107 -6.15 12.07 -9.53
CA VAL A 107 -6.70 10.84 -10.15
C VAL A 107 -5.79 9.67 -9.80
N LEU A 108 -4.48 9.84 -10.00
CA LEU A 108 -3.54 8.71 -9.80
C LEU A 108 -3.53 8.29 -8.32
N LEU A 109 -3.45 9.25 -7.41
CA LEU A 109 -3.41 8.93 -5.96
C LEU A 109 -4.72 8.32 -5.50
N LYS A 110 -5.85 8.87 -5.95
CA LYS A 110 -7.15 8.33 -5.51
C LYS A 110 -7.23 6.85 -5.92
N ALA A 111 -6.91 6.55 -7.18
CA ALA A 111 -7.03 5.17 -7.69
C ALA A 111 -5.98 4.25 -7.07
N GLY A 112 -4.74 4.75 -6.86
CA GLY A 112 -3.62 3.83 -6.61
C GLY A 112 -3.07 3.84 -5.19
N ALA A 113 -3.29 4.85 -4.38
CA ALA A 113 -2.50 4.92 -3.12
C ALA A 113 -2.88 3.74 -2.19
N MET A 114 -4.17 3.40 -2.07
CA MET A 114 -4.51 2.27 -1.19
C MET A 114 -4.10 0.94 -1.84
N GLU A 115 -4.06 0.84 -3.17
CA GLU A 115 -3.49 -0.35 -3.81
C GLU A 115 -2.02 -0.53 -3.38
N VAL A 116 -1.28 0.57 -3.33
CA VAL A 116 0.12 0.53 -2.87
C VAL A 116 0.22 0.10 -1.39
N VAL A 117 -0.64 0.63 -0.54
CA VAL A 117 -0.66 0.19 0.88
C VAL A 117 -0.86 -1.34 0.94
N LEU A 118 -1.81 -1.89 0.20
CA LEU A 118 -2.08 -3.34 0.25
C LEU A 118 -0.86 -4.12 -0.22
N VAL A 119 -0.16 -3.63 -1.25
CA VAL A 119 1.10 -4.29 -1.71
C VAL A 119 2.18 -4.16 -0.61
N ARG A 120 2.35 -2.97 -0.04
CA ARG A 120 3.36 -2.71 1.01
C ARG A 120 3.12 -3.65 2.21
N MET A 121 1.90 -4.05 2.45
CA MET A 121 1.58 -4.95 3.59
C MET A 121 2.44 -6.22 3.54
N CYS A 122 2.75 -6.76 2.36
CA CYS A 122 3.41 -8.08 2.32
C CYS A 122 4.77 -8.04 3.07
N ARG A 123 5.44 -6.89 3.14
CA ARG A 123 6.74 -6.80 3.86
C ARG A 123 6.54 -7.03 5.37
N ALA A 124 5.37 -6.63 5.86
CA ALA A 124 4.98 -6.74 7.29
C ALA A 124 4.19 -8.02 7.59
N TYR A 125 4.16 -8.98 6.67
CA TYR A 125 3.36 -10.23 6.75
C TYR A 125 4.32 -11.41 6.83
N ASN A 126 4.04 -12.32 7.75
CA ASN A 126 4.83 -13.55 7.95
C ASN A 126 3.97 -14.73 7.49
N ALA A 127 4.27 -15.30 6.34
CA ALA A 127 3.49 -16.41 5.73
C ALA A 127 3.60 -17.68 6.59
N ASP A 128 4.64 -17.81 7.40
CA ASP A 128 4.89 -19.05 8.19
C ASP A 128 3.75 -19.23 9.20
N ASN A 129 3.25 -18.16 9.81
CA ASN A 129 2.21 -18.22 10.86
C ASN A 129 1.01 -17.32 10.50
N ARG A 130 0.98 -16.75 9.29
CA ARG A 130 -0.14 -15.89 8.80
C ARG A 130 -0.38 -14.71 9.76
N THR A 131 0.69 -14.00 10.13
CA THR A 131 0.62 -12.83 11.02
C THR A 131 1.06 -11.58 10.28
N VAL A 132 0.59 -10.46 10.78
CA VAL A 132 0.98 -9.12 10.34
C VAL A 132 1.52 -8.33 11.53
N PHE A 133 2.50 -7.48 11.25
CA PHE A 133 3.05 -6.55 12.25
C PHE A 133 2.04 -5.44 12.48
N PHE A 134 1.56 -5.31 13.70
CA PHE A 134 0.52 -4.34 14.09
C PHE A 134 0.83 -3.87 15.51
N GLU A 135 1.02 -2.57 15.70
CA GLU A 135 1.21 -1.97 17.04
C GLU A 135 2.32 -2.73 17.80
N GLY A 136 3.40 -3.04 17.10
CA GLY A 136 4.66 -3.47 17.72
C GLY A 136 4.88 -4.98 17.84
N LYS A 137 3.90 -5.81 17.53
CA LYS A 137 4.07 -7.29 17.53
C LYS A 137 3.32 -7.85 16.32
N TYR A 138 3.55 -9.12 16.01
CA TYR A 138 2.81 -9.87 14.97
C TYR A 138 1.56 -10.49 15.58
N GLY A 139 0.46 -10.32 14.86
CA GLY A 139 -0.83 -10.96 15.21
C GLY A 139 -1.53 -11.49 13.97
N GLY A 140 -2.39 -12.48 14.19
CA GLY A 140 -3.20 -13.06 13.10
C GLY A 140 -4.46 -12.21 12.86
N MET A 141 -5.25 -12.61 11.88
CA MET A 141 -6.45 -11.83 11.52
C MET A 141 -7.46 -11.83 12.66
N GLU A 142 -7.36 -12.81 13.55
CA GLU A 142 -8.30 -12.88 14.71
C GLU A 142 -8.10 -11.68 15.65
N LEU A 143 -6.95 -10.99 15.58
CA LEU A 143 -6.71 -9.75 16.36
C LEU A 143 -7.83 -8.73 16.10
N PHE A 144 -8.39 -8.77 14.89
CA PHE A 144 -9.30 -7.72 14.39
C PHE A 144 -10.76 -8.14 14.54
N ARG A 145 -11.04 -9.16 15.35
N ARG A 145 -11.05 -9.16 15.36
CA ARG A 145 -12.41 -9.75 15.50
CA ARG A 145 -12.42 -9.75 15.46
C ARG A 145 -13.45 -8.65 15.74
C ARG A 145 -13.47 -8.65 15.76
N ALA A 146 -13.14 -7.66 16.60
CA ALA A 146 -14.15 -6.68 17.05
C ALA A 146 -14.68 -5.85 15.87
N LEU A 147 -13.94 -5.77 14.77
CA LEU A 147 -14.36 -4.93 13.61
C LEU A 147 -15.50 -5.58 12.82
N GLY A 148 -15.72 -6.87 12.98
CA GLY A 148 -16.84 -7.52 12.27
C GLY A 148 -16.71 -7.52 10.77
N CYS A 149 -15.49 -7.58 10.24
N CYS A 149 -15.46 -7.66 10.29
CA CYS A 149 -15.25 -7.68 8.78
CA CYS A 149 -15.07 -7.62 8.86
C CYS A 149 -14.34 -8.85 8.49
C CYS A 149 -14.36 -8.90 8.41
N SER A 150 -14.68 -10.06 8.95
CA SER A 150 -13.78 -11.23 8.86
C SER A 150 -13.54 -11.57 7.38
N GLU A 151 -14.56 -11.55 6.53
CA GLU A 151 -14.39 -11.96 5.12
C GLU A 151 -13.39 -11.01 4.42
N LEU A 152 -13.57 -9.70 4.59
CA LEU A 152 -12.72 -8.70 3.92
C LEU A 152 -11.29 -8.80 4.47
N ILE A 153 -11.16 -8.89 5.80
CA ILE A 153 -9.82 -8.99 6.40
C ILE A 153 -9.13 -10.28 5.93
N SER A 154 -9.87 -11.38 5.86
CA SER A 154 -9.35 -12.67 5.36
C SER A 154 -8.83 -12.48 3.92
N SER A 155 -9.56 -11.75 3.09
CA SER A 155 -9.18 -11.46 1.68
C SER A 155 -7.88 -10.66 1.64
N ILE A 156 -7.75 -9.71 2.54
CA ILE A 156 -6.52 -8.88 2.65
C ILE A 156 -5.33 -9.74 3.07
N PHE A 157 -5.50 -10.58 4.08
CA PHE A 157 -4.45 -11.51 4.51
C PHE A 157 -4.08 -12.45 3.35
N ASP A 158 -5.08 -13.01 2.66
CA ASP A 158 -4.89 -13.96 1.55
C ASP A 158 -4.06 -13.27 0.46
N PHE A 159 -4.33 -11.99 0.21
CA PHE A 159 -3.60 -11.24 -0.84
C PHE A 159 -2.12 -11.14 -0.44
N SER A 160 -1.87 -10.76 0.81
CA SER A 160 -0.49 -10.70 1.33
C SER A 160 0.17 -12.09 1.28
N HIS A 161 -0.58 -13.16 1.56
CA HIS A 161 -0.06 -14.54 1.54
C HIS A 161 0.44 -14.84 0.11
N SER A 162 -0.37 -14.49 -0.89
CA SER A 162 -0.04 -14.66 -2.34
C SER A 162 1.22 -13.88 -2.66
N LEU A 163 1.28 -12.61 -2.25
CA LEU A 163 2.45 -11.77 -2.60
C LEU A 163 3.73 -12.27 -1.90
N SER A 164 3.63 -12.76 -0.66
N SER A 164 3.60 -12.74 -0.66
CA SER A 164 4.81 -13.14 0.15
CA SER A 164 4.72 -13.23 0.19
C SER A 164 5.52 -14.36 -0.47
C SER A 164 5.54 -14.28 -0.57
N ALA A 165 4.89 -15.09 -1.40
CA ALA A 165 5.54 -16.20 -2.13
C ALA A 165 6.54 -15.64 -3.14
N LEU A 166 6.46 -14.37 -3.52
CA LEU A 166 7.39 -13.76 -4.50
C LEU A 166 8.72 -13.40 -3.82
N HIS A 167 8.73 -13.24 -2.50
CA HIS A 167 9.92 -12.76 -1.74
C HIS A 167 10.43 -11.48 -2.41
N PHE A 168 9.54 -10.55 -2.63
CA PHE A 168 9.86 -9.27 -3.27
C PHE A 168 11.08 -8.67 -2.61
N SER A 169 12.05 -8.26 -3.39
CA SER A 169 13.12 -7.40 -2.88
C SER A 169 12.58 -5.98 -2.65
N GLU A 170 13.34 -5.17 -1.90
CA GLU A 170 12.99 -3.78 -1.63
C GLU A 170 12.91 -3.01 -2.97
N ASP A 171 13.83 -3.29 -3.89
CA ASP A 171 13.84 -2.54 -5.16
C ASP A 171 12.68 -3.00 -6.04
N GLU A 172 12.34 -4.28 -6.02
CA GLU A 172 11.15 -4.78 -6.74
C GLU A 172 9.90 -4.08 -6.22
N ILE A 173 9.72 -3.97 -4.90
CA ILE A 173 8.55 -3.31 -4.25
C ILE A 173 8.52 -1.86 -4.76
N ALA A 174 9.65 -1.19 -4.76
CA ALA A 174 9.72 0.24 -5.12
C ALA A 174 9.26 0.40 -6.56
N LEU A 175 9.82 -0.38 -7.46
CA LEU A 175 9.56 -0.18 -8.91
C LEU A 175 8.14 -0.63 -9.24
N TYR A 176 7.71 -1.76 -8.66
CA TYR A 176 6.33 -2.27 -8.88
C TYR A 176 5.31 -1.25 -8.37
N THR A 177 5.47 -0.76 -7.15
CA THR A 177 4.51 0.20 -6.57
C THR A 177 4.55 1.55 -7.31
N ALA A 178 5.69 1.97 -7.84
CA ALA A 178 5.69 3.17 -8.72
C ALA A 178 4.74 2.92 -9.90
N LEU A 179 4.78 1.73 -10.50
CA LEU A 179 3.88 1.41 -11.66
C LEU A 179 2.42 1.24 -11.23
N VAL A 180 2.16 0.80 -10.00
CA VAL A 180 0.76 0.75 -9.51
C VAL A 180 0.23 2.18 -9.57
N LEU A 181 1.03 3.17 -9.16
CA LEU A 181 0.56 4.58 -9.17
C LEU A 181 0.52 5.14 -10.59
N ILE A 182 1.61 4.99 -11.35
CA ILE A 182 1.77 5.74 -12.63
C ILE A 182 1.20 4.86 -13.73
N ASN A 183 -0.12 4.99 -13.89
CA ASN A 183 -0.95 4.14 -14.77
C ASN A 183 -1.79 5.08 -15.64
N ALA A 184 -1.42 5.20 -16.91
CA ALA A 184 -2.08 6.15 -17.84
C ALA A 184 -3.49 5.67 -18.23
N HIS A 185 -3.89 4.48 -17.81
CA HIS A 185 -5.23 3.91 -18.11
C HIS A 185 -6.25 4.32 -17.05
N ARG A 186 -5.86 4.99 -15.97
CA ARG A 186 -6.85 5.42 -14.95
C ARG A 186 -7.85 6.35 -15.63
N PRO A 187 -9.18 6.09 -15.49
CA PRO A 187 -10.17 7.03 -16.00
C PRO A 187 -10.01 8.44 -15.42
N GLY A 188 -10.18 9.46 -16.27
CA GLY A 188 -10.31 10.85 -15.81
C GLY A 188 -9.04 11.65 -15.93
N LEU A 189 -7.96 11.09 -16.49
CA LEU A 189 -6.73 11.87 -16.69
C LEU A 189 -6.94 12.90 -17.81
N GLN A 190 -6.43 14.10 -17.59
CA GLN A 190 -6.55 15.21 -18.57
C GLN A 190 -5.29 15.31 -19.45
N GLU A 191 -4.15 14.81 -18.98
CA GLU A 191 -2.89 14.83 -19.78
C GLU A 191 -2.38 13.39 -19.90
N LYS A 192 -3.12 12.53 -20.60
CA LYS A 192 -2.78 11.10 -20.66
C LYS A 192 -1.36 10.91 -21.24
N ARG A 193 -0.96 11.67 -22.25
CA ARG A 193 0.36 11.49 -22.93
C ARG A 193 1.47 11.73 -21.89
N LYS A 194 1.30 12.71 -21.01
CA LYS A 194 2.35 13.01 -20.00
C LYS A 194 2.44 11.85 -19.02
N VAL A 195 1.31 11.26 -18.63
CA VAL A 195 1.38 10.09 -17.71
C VAL A 195 2.01 8.90 -18.46
N GLU A 196 1.64 8.69 -19.73
CA GLU A 196 2.24 7.60 -20.55
C GLU A 196 3.77 7.75 -20.57
N GLN A 197 4.30 8.95 -20.72
CA GLN A 197 5.78 9.11 -20.79
C GLN A 197 6.40 8.62 -19.48
N LEU A 198 5.81 8.99 -18.35
CA LEU A 198 6.39 8.57 -17.05
C LEU A 198 6.23 7.06 -16.91
N GLN A 199 5.09 6.52 -17.32
CA GLN A 199 4.84 5.07 -17.21
C GLN A 199 5.85 4.30 -18.03
N TYR A 200 6.07 4.69 -19.28
CA TYR A 200 6.98 3.91 -20.13
C TYR A 200 8.39 3.87 -19.55
N ASN A 201 8.82 4.99 -18.99
CA ASN A 201 10.18 5.04 -18.41
C ASN A 201 10.23 4.14 -17.17
N LEU A 202 9.18 4.13 -16.34
CA LEU A 202 9.16 3.28 -15.15
C LEU A 202 9.05 1.80 -15.54
N GLU A 203 8.32 1.48 -16.60
CA GLU A 203 8.22 0.08 -17.07
C GLU A 203 9.61 -0.37 -17.50
N LEU A 204 10.30 0.46 -18.26
CA LEU A 204 11.65 0.10 -18.74
C LEU A 204 12.58 -0.06 -17.53
N ALA A 205 12.51 0.86 -16.57
CA ALA A 205 13.32 0.76 -15.32
C ALA A 205 13.08 -0.60 -14.66
N PHE A 206 11.82 -0.96 -14.45
CA PHE A 206 11.48 -2.22 -13.74
C PHE A 206 12.00 -3.42 -14.54
N HIS A 207 11.72 -3.44 -15.86
CA HIS A 207 12.10 -4.58 -16.71
C HIS A 207 13.63 -4.70 -16.77
N HIS A 208 14.34 -3.58 -16.91
CA HIS A 208 15.83 -3.57 -16.96
C HIS A 208 16.37 -4.14 -15.64
N HIS A 209 15.80 -3.69 -14.54
CA HIS A 209 16.26 -4.14 -13.21
C HIS A 209 16.03 -5.63 -13.02
N LEU A 210 14.85 -6.13 -13.40
CA LEU A 210 14.58 -7.59 -13.26
C LEU A 210 15.55 -8.38 -14.13
N HIS A 211 15.83 -7.92 -15.35
CA HIS A 211 16.80 -8.64 -16.22
C HIS A 211 18.19 -8.66 -15.57
N LYS A 212 18.63 -7.54 -15.03
CA LYS A 212 20.00 -7.46 -14.45
C LYS A 212 20.13 -8.38 -13.23
N THR A 213 19.06 -8.55 -12.48
CA THR A 213 19.03 -9.35 -11.23
C THR A 213 18.51 -10.77 -11.45
N HIS A 214 18.22 -11.16 -12.69
CA HIS A 214 17.77 -12.53 -13.00
C HIS A 214 16.45 -12.80 -12.27
N ARG A 215 15.56 -11.81 -12.24
CA ARG A 215 14.28 -11.89 -11.51
C ARG A 215 13.08 -11.67 -12.43
N GLN A 216 13.25 -11.87 -13.74
CA GLN A 216 12.11 -11.70 -14.66
C GLN A 216 10.99 -12.71 -14.36
N SER A 217 11.31 -13.84 -13.75
CA SER A 217 10.32 -14.89 -13.39
C SER A 217 9.17 -14.26 -12.60
N ILE A 218 9.39 -13.16 -11.86
CA ILE A 218 8.28 -12.65 -11.01
C ILE A 218 7.17 -12.07 -11.90
N LEU A 219 7.47 -11.66 -13.13
CA LEU A 219 6.48 -10.91 -13.95
C LEU A 219 5.22 -11.78 -14.11
N ALA A 220 5.37 -13.08 -14.34
CA ALA A 220 4.21 -13.98 -14.57
C ALA A 220 3.45 -14.21 -13.24
N LYS A 221 4.06 -13.84 -12.11
CA LYS A 221 3.51 -14.15 -10.78
C LYS A 221 2.86 -12.91 -10.15
N LEU A 222 3.00 -11.73 -10.75
CA LEU A 222 2.41 -10.50 -10.18
C LEU A 222 0.90 -10.64 -10.15
N PRO A 223 0.23 -9.99 -9.19
CA PRO A 223 -1.22 -10.09 -9.11
C PRO A 223 -1.93 -9.61 -10.36
N PRO A 224 -3.02 -10.26 -10.81
CA PRO A 224 -3.86 -9.67 -11.87
C PRO A 224 -4.40 -8.30 -11.43
N LYS A 225 -4.31 -7.28 -12.30
CA LYS A 225 -4.62 -5.86 -11.94
C LYS A 225 -6.06 -5.79 -11.43
N GLY A 226 -6.96 -6.57 -12.06
CA GLY A 226 -8.36 -6.64 -11.63
C GLY A 226 -8.51 -7.07 -10.18
N LYS A 227 -7.66 -7.99 -9.71
CA LYS A 227 -7.70 -8.51 -8.32
C LYS A 227 -7.30 -7.41 -7.34
N LEU A 228 -6.22 -6.72 -7.60
CA LEU A 228 -5.78 -5.63 -6.71
C LEU A 228 -6.85 -4.51 -6.71
N ARG A 229 -7.38 -4.19 -7.88
CA ARG A 229 -8.41 -3.13 -7.99
C ARG A 229 -9.66 -3.51 -7.19
N SER A 230 -10.12 -4.74 -7.33
CA SER A 230 -11.36 -5.22 -6.66
C SER A 230 -11.14 -5.20 -5.14
N LEU A 231 -10.00 -5.71 -4.69
CA LEU A 231 -9.73 -5.80 -3.23
C LEU A 231 -9.65 -4.37 -2.66
N CYS A 232 -8.94 -3.48 -3.35
CA CYS A 232 -8.80 -2.08 -2.91
C CYS A 232 -10.19 -1.42 -2.82
N SER A 233 -11.02 -1.60 -3.86
N SER A 233 -11.05 -1.62 -3.83
N SER A 233 -11.03 -1.63 -3.84
CA SER A 233 -12.39 -1.03 -3.90
CA SER A 233 -12.39 -0.97 -3.86
CA SER A 233 -12.38 -1.02 -3.88
C SER A 233 -13.17 -1.48 -2.66
C SER A 233 -13.29 -1.51 -2.74
C SER A 233 -13.20 -1.49 -2.68
N GLN A 234 -13.14 -2.79 -2.37
CA GLN A 234 -13.87 -3.38 -1.23
C GLN A 234 -13.35 -2.77 0.08
N HIS A 235 -12.02 -2.67 0.21
CA HIS A 235 -11.40 -2.09 1.43
C HIS A 235 -11.87 -0.65 1.60
N VAL A 236 -11.73 0.17 0.56
CA VAL A 236 -12.07 1.61 0.70
C VAL A 236 -13.57 1.73 0.98
N GLU A 237 -14.41 0.90 0.35
CA GLU A 237 -15.86 0.98 0.59
C GLU A 237 -16.12 0.73 2.10
N ARG A 238 -15.45 -0.25 2.69
CA ARG A 238 -15.69 -0.55 4.12
C ARG A 238 -15.18 0.62 4.98
N LEU A 239 -14.01 1.17 4.64
CA LEU A 239 -13.50 2.34 5.39
C LEU A 239 -14.50 3.50 5.30
N GLN A 240 -15.10 3.74 4.12
CA GLN A 240 -16.11 4.81 3.91
CA GLN A 240 -16.05 4.88 4.02
C GLN A 240 -17.33 4.57 4.82
N ILE A 241 -17.76 3.31 4.93
CA ILE A 241 -18.93 2.97 5.78
C ILE A 241 -18.60 3.28 7.24
N PHE A 242 -17.44 2.83 7.71
CA PHE A 242 -17.01 3.16 9.09
C PHE A 242 -16.96 4.68 9.32
N GLN A 243 -16.41 5.42 8.36
CA GLN A 243 -16.24 6.90 8.49
C GLN A 243 -17.61 7.56 8.54
N HIS A 244 -18.59 7.01 7.82
CA HIS A 244 -19.98 7.52 7.88
C HIS A 244 -20.61 7.28 9.25
N LEU A 245 -20.39 6.09 9.80
CA LEU A 245 -20.98 5.68 11.09
C LEU A 245 -20.28 6.36 12.25
N HIS A 246 -18.97 6.55 12.14
CA HIS A 246 -18.11 6.99 13.25
C HIS A 246 -16.98 7.83 12.73
N PRO A 247 -17.24 9.13 12.48
CA PRO A 247 -16.23 9.99 11.85
C PRO A 247 -14.96 10.08 12.70
N ILE A 248 -13.82 10.04 12.03
CA ILE A 248 -12.49 10.12 12.69
C ILE A 248 -11.90 11.52 12.55
N VAL A 249 -10.92 11.80 13.39
CA VAL A 249 -10.03 12.97 13.22
C VAL A 249 -8.89 12.52 12.29
N VAL A 250 -8.71 13.22 11.19
CA VAL A 250 -7.64 12.92 10.21
C VAL A 250 -6.53 13.95 10.42
N GLN A 251 -5.27 13.50 10.52
CA GLN A 251 -4.10 14.41 10.48
C GLN A 251 -3.85 14.75 9.00
N ALA A 252 -4.64 15.66 8.46
CA ALA A 252 -4.73 15.88 7.00
C ALA A 252 -3.59 16.77 6.54
N ALA A 253 -2.87 16.29 5.54
CA ALA A 253 -1.72 17.01 4.97
C ALA A 253 -1.96 17.40 3.52
N PHE A 254 -2.94 16.80 2.84
CA PHE A 254 -3.07 16.87 1.36
C PHE A 254 -4.50 17.27 1.00
N PRO A 255 -4.86 18.56 1.18
CA PRO A 255 -6.23 18.99 1.00
C PRO A 255 -6.92 18.46 -0.26
N PRO A 256 -6.30 18.51 -1.46
CA PRO A 256 -7.01 18.05 -2.67
C PRO A 256 -7.36 16.56 -2.62
N LEU A 257 -6.52 15.76 -1.95
CA LEU A 257 -6.77 14.31 -1.83
C LEU A 257 -7.79 14.06 -0.72
N TYR A 258 -7.62 14.74 0.39
CA TYR A 258 -8.60 14.65 1.51
C TYR A 258 -10.00 14.91 0.98
N LYS A 259 -10.14 15.97 0.18
CA LYS A 259 -11.45 16.41 -0.33
C LYS A 259 -12.10 15.30 -1.18
N GLU A 260 -11.32 14.52 -1.94
CA GLU A 260 -11.81 13.45 -2.83
C GLU A 260 -12.26 12.24 -2.00
N LEU A 261 -11.73 12.03 -0.81
CA LEU A 261 -12.00 10.75 -0.07
C LEU A 261 -12.93 10.97 1.14
N PHE A 262 -12.91 12.14 1.76
CA PHE A 262 -13.65 12.42 3.03
C PHE A 262 -14.80 13.39 2.80
N SER A 263 -15.89 13.30 3.54
CA SER A 263 -17.12 14.04 3.11
C SER A 263 -18.11 14.28 4.24
C18 HC3 B . -3.07 -4.52 9.45
C13 HC3 B . -3.72 -3.53 8.46
C12 HC3 B . -3.31 -3.85 7.03
C11 HC3 B . -1.81 -3.60 6.84
C9 HC3 B . -1.35 -2.18 7.23
C10 HC3 B . 0.19 -1.99 7.08
C19 HC3 B . 0.95 -3.12 7.80
C1 HC3 B . 0.57 -2.01 5.58
C2 HC3 B . 2.00 -1.59 5.30
C3 HC3 B . 2.28 -0.23 5.86
O1 HC3 B . 3.64 0.09 5.56
C4 HC3 B . 2.00 -0.18 7.35
C5 HC3 B . 0.59 -0.65 7.67
C6 HC3 B . -0.21 0.09 8.41
C7 HC3 B . -1.59 -0.28 8.84
C8 HC3 B . -1.86 -1.77 8.62
C14 HC3 B . -3.35 -2.06 8.74
C15 HC3 B . -4.08 -1.71 10.03
C16 HC3 B . -5.35 -2.55 9.95
C17 HC3 B . -5.24 -3.49 8.72
C20 HC3 B . -6.04 -4.80 8.89
C21 HC3 B . -6.02 -5.68 7.65
C22 HC3 B . -7.50 -4.51 9.30
C23 HC3 B . -8.34 -3.82 8.28
C24 HC3 B . -9.66 -3.36 8.89
C25 HC3 B . -10.60 -2.58 7.98
C26 HC3 B . -11.74 -1.94 8.76
C27 HC3 B . -11.12 -3.49 6.87
O2 HC3 B . -9.83 -1.54 7.36
N1 L3E C . -6.67 8.66 2.95
C2 L3E C . -5.00 12.43 3.56
N3 L3E C . -6.67 6.59 -2.33
C4 L3E C . -5.20 10.09 4.01
C5 L3E C . -6.19 9.96 3.09
C6 L3E C . -7.93 8.33 2.47
C9 L3E C . -9.42 6.11 4.40
C11 L3E C . -8.83 5.82 6.73
C1 L3E C . -4.32 13.72 3.88
C10 L3E C . -8.48 5.81 5.39
C12 L3E C . -10.13 6.11 7.08
C13 L3E C . -11.08 6.41 6.10
C14 L3E C . -10.73 6.40 4.75
C15 L3E C . -11.78 6.72 3.74
C16 L3E C . -8.05 6.33 1.00
C17 L3E C . -7.36 6.68 -0.21
C18 L3E C . -6.45 7.75 -0.44
C19 L3E C . -6.06 7.66 -1.76
C20 L3E C . -7.44 5.96 -1.38
C21 L3E C . -6.62 11.09 2.38
C22 L3E C . -6.01 12.32 2.61
C3 L3E C . -4.61 11.29 4.24
C7 L3E C . -8.20 6.89 2.21
C8 L3E C . -9.01 6.04 2.98
F1 L3E C . -12.89 7.20 4.29
F2 L3E C . -12.11 5.66 3.03
F3 L3E C . -11.37 7.64 2.87
N2 L3E C . -9.23 4.95 2.31
O1 L3E C . -3.33 13.68 4.67
O2 L3E C . -4.76 14.75 3.40
O3 L3E C . -8.66 5.13 1.02
CL1 L3E C . -6.82 5.44 4.96
C1 GOL D . 1.62 1.00 11.63
C1 GOL D . 1.17 0.67 11.67
O1 GOL D . 2.80 1.29 12.36
O1 GOL D . 2.18 1.51 11.15
C2 GOL D . 0.85 -0.16 12.23
C2 GOL D . 1.78 -0.40 12.53
O2 GOL D . 1.12 -0.31 13.63
O2 GOL D . 1.07 -0.50 13.76
C3 GOL D . 1.12 -1.46 11.52
C3 GOL D . 1.94 -1.72 11.83
O3 GOL D . 2.40 -1.96 11.89
O3 GOL D . 0.70 -2.15 11.29
#